data_5KP4
#
_entry.id   5KP4
#
_cell.length_a   33.851
_cell.length_b   72.587
_cell.length_c   94.820
_cell.angle_alpha   90.000
_cell.angle_beta   90.000
_cell.angle_gamma   90.000
#
_symmetry.space_group_name_H-M   'P 21 21 21'
#
loop_
_entity.id
_entity.type
_entity.pdbx_description
1 polymer 'Steroid Delta-isomerase'
2 non-polymer '(8~{R},9~{S},10~{R},13~{S},14~{S},17~{S})-13-methyl-17-oxidanyl-2,6,7,8,9,10,11,12,14,15,16,17-dodecahydro-1~{H}-cyclop enta[a]phenanthren-3-one'
3 water water
#
_entity_poly.entity_id   1
_entity_poly.type   'polypeptide(L)'
_entity_poly.pdbx_seq_one_letter_code
;MNLPTAQEVQGLMARYIELVDVGDIEAIVQMYADDATVEDPFGQPPIHGREQIAAFYRQGLGGGKVRACLTGPVRASHNG
CGAMPFRVEMVWNGQPCALDVIDVMRFDEHGRIQTMQAYWSEVNLSVREPQLVPR
;
_entity_poly.pdbx_strand_id   A,B
#
loop_
_chem_comp.id
_chem_comp.type
_chem_comp.name
_chem_comp.formula
6VW non-polymer '(8~{R},9~{S},10~{R},13~{S},14~{S},17~{S})-13-methyl-17-oxidanyl-2,6,7,8,9,10,11,12,14,15,16,17-dodecahydro-1~{H}-cyclop enta[a]phenanthren-3-one' 'C18 H26 O2'
#
# COMPACT_ATOMS: atom_id res chain seq x y z
N MET A 1 -18.66 8.01 14.42
CA MET A 1 -17.39 8.70 14.61
C MET A 1 -17.14 9.67 13.48
N ASN A 2 -15.99 10.35 13.53
CA ASN A 2 -15.60 11.37 12.59
C ASN A 2 -14.47 10.84 11.70
N LEU A 3 -13.70 11.75 11.11
CA LEU A 3 -12.55 11.33 10.31
C LEU A 3 -11.59 10.55 11.20
N PRO A 4 -11.27 9.30 10.86
CA PRO A 4 -10.55 8.44 11.80
C PRO A 4 -9.14 8.95 12.05
N THR A 5 -8.71 8.89 13.31
CA THR A 5 -7.30 9.12 13.62
C THR A 5 -6.47 7.98 13.06
N ALA A 6 -5.15 8.11 13.17
CA ALA A 6 -4.27 7.05 12.71
C ALA A 6 -4.53 5.74 13.45
N GLN A 7 -4.71 5.81 14.78
CA GLN A 7 -5.01 4.60 15.53
C GLN A 7 -6.37 4.03 15.12
N GLU A 8 -7.34 4.90 14.85
CA GLU A 8 -8.65 4.42 14.42
C GLU A 8 -8.58 3.78 13.03
N VAL A 9 -7.78 4.35 12.13
CA VAL A 9 -7.60 3.72 10.82
C VAL A 9 -7.06 2.29 10.98
N GLN A 10 -6.09 2.10 11.88
CA GLN A 10 -5.54 0.76 12.08
C GLN A 10 -6.62 -0.22 12.52
N GLY A 11 -7.51 0.22 13.42
CA GLY A 11 -8.58 -0.66 13.88
C GLY A 11 -9.59 -0.96 12.78
N LEU A 12 -9.96 0.06 11.99
CA LEU A 12 -10.96 -0.13 10.93
C LEU A 12 -10.45 -1.09 9.89
N MET A 13 -9.21 -0.89 9.42
CA MET A 13 -8.72 -1.73 8.35
C MET A 13 -8.45 -3.15 8.84
N ALA A 14 -8.06 -3.31 10.10
CA ALA A 14 -7.95 -4.67 10.64
C ALA A 14 -9.30 -5.35 10.72
N ARG A 15 -10.34 -4.61 11.13
CA ARG A 15 -11.70 -5.16 11.14
C ARG A 15 -12.12 -5.59 9.74
N TYR A 16 -11.86 -4.74 8.74
CA TYR A 16 -12.17 -5.08 7.36
C TYR A 16 -11.64 -6.47 6.99
N ILE A 17 -10.36 -6.74 7.29
CA ILE A 17 -9.78 -8.04 6.98
C ILE A 17 -10.52 -9.17 7.71
N GLU A 18 -10.92 -8.94 8.98
CA GLU A 18 -11.70 -9.93 9.69
C GLU A 18 -13.03 -10.22 8.98
N LEU A 19 -13.65 -9.19 8.41
CA LEU A 19 -14.91 -9.38 7.69
C LEU A 19 -14.69 -10.16 6.40
N VAL A 20 -13.60 -9.88 5.69
CA VAL A 20 -13.29 -10.66 4.50
C VAL A 20 -13.07 -12.12 4.87
N ASP A 21 -12.41 -12.36 6.01
CA ASP A 21 -12.08 -13.72 6.40
C ASP A 21 -13.33 -14.54 6.70
N VAL A 22 -14.33 -13.91 7.31
CA VAL A 22 -15.58 -14.60 7.62
C VAL A 22 -16.58 -14.51 6.46
N GLY A 23 -16.34 -13.62 5.51
CA GLY A 23 -17.19 -13.52 4.34
C GLY A 23 -18.43 -12.71 4.55
N ASP A 24 -18.40 -11.71 5.44
CA ASP A 24 -19.60 -10.96 5.77
C ASP A 24 -19.70 -9.77 4.81
N ILE A 25 -20.23 -10.05 3.62
CA ILE A 25 -20.32 -9.00 2.60
C ILE A 25 -21.16 -7.83 3.08
N GLU A 26 -22.27 -8.13 3.74
CA GLU A 26 -23.12 -7.08 4.29
C GLU A 26 -22.34 -6.12 5.17
N ALA A 27 -21.52 -6.65 6.08
CA ALA A 27 -20.79 -5.79 7.01
C ALA A 27 -19.68 -5.02 6.30
N ILE A 28 -19.07 -5.63 5.28
CA ILE A 28 -18.08 -4.94 4.46
C ILE A 28 -18.72 -3.76 3.74
N VAL A 29 -19.88 -4.01 3.12
CA VAL A 29 -20.59 -2.94 2.42
C VAL A 29 -20.93 -1.79 3.38
N GLN A 30 -21.31 -2.12 4.62
CA GLN A 30 -21.64 -1.03 5.53
C GLN A 30 -20.42 -0.25 5.97
N MET A 31 -19.22 -0.83 5.87
CA MET A 31 -18.00 -0.07 6.13
C MET A 31 -17.72 0.95 5.05
N TYR A 32 -18.26 0.75 3.84
CA TYR A 32 -18.08 1.68 2.75
C TYR A 32 -19.07 2.84 2.85
N ALA A 33 -18.63 4.02 2.44
CA ALA A 33 -19.57 5.10 2.17
C ALA A 33 -20.53 4.65 1.07
N ASP A 34 -21.77 5.16 1.12
CA ASP A 34 -22.77 4.69 0.16
C ASP A 34 -22.32 4.95 -1.28
N ASP A 35 -21.51 5.99 -1.49
CA ASP A 35 -21.02 6.33 -2.82
C ASP A 35 -19.53 6.04 -2.99
N ALA A 36 -19.01 5.03 -2.32
CA ALA A 36 -17.58 4.72 -2.39
C ALA A 36 -17.17 4.19 -3.76
N THR A 37 -15.87 4.21 -4.01
CA THR A 37 -15.29 3.58 -5.20
C THR A 37 -14.29 2.50 -4.78
N VAL A 38 -14.33 1.39 -5.50
CA VAL A 38 -13.44 0.26 -5.29
C VAL A 38 -12.76 -0.03 -6.61
N GLU A 39 -11.45 -0.21 -6.56
CA GLU A 39 -10.67 -0.62 -7.72
C GLU A 39 -9.92 -1.88 -7.28
N ASP A 40 -10.39 -3.03 -7.77
CA ASP A 40 -9.93 -4.32 -7.29
C ASP A 40 -9.97 -5.35 -8.41
N PRO A 41 -8.80 -5.65 -9.05
CA PRO A 41 -7.48 -5.08 -8.78
C PRO A 41 -7.33 -3.67 -9.33
N PHE A 42 -6.44 -2.90 -8.72
CA PHE A 42 -6.13 -1.58 -9.25
C PHE A 42 -5.69 -1.71 -10.71
N GLY A 43 -6.26 -0.86 -11.57
CA GLY A 43 -6.07 -0.94 -13.00
C GLY A 43 -7.31 -1.36 -13.75
N GLN A 44 -8.29 -1.93 -13.06
CA GLN A 44 -9.59 -2.29 -13.58
C GLN A 44 -10.56 -1.15 -13.36
N PRO A 45 -11.61 -1.08 -14.17
CA PRO A 45 -12.58 -0.02 -14.02
C PRO A 45 -13.11 0.04 -12.60
N PRO A 46 -13.24 1.23 -12.04
CA PRO A 46 -13.76 1.35 -10.67
C PRO A 46 -15.18 0.83 -10.54
N ILE A 47 -15.46 0.23 -9.37
CA ILE A 47 -16.79 -0.15 -8.94
C ILE A 47 -17.36 0.99 -8.10
N HIS A 48 -18.63 1.33 -8.32
CA HIS A 48 -19.21 2.56 -7.81
C HIS A 48 -20.46 2.28 -6.99
N GLY A 49 -20.40 2.58 -5.69
CA GLY A 49 -21.55 2.55 -4.82
C GLY A 49 -21.78 1.19 -4.16
N ARG A 50 -22.54 1.22 -3.07
CA ARG A 50 -22.72 0.03 -2.24
C ARG A 50 -23.38 -1.12 -3.00
N GLU A 51 -24.35 -0.83 -3.86
CA GLU A 51 -25.04 -1.89 -4.60
C GLU A 51 -24.05 -2.66 -5.49
N GLN A 52 -23.22 -1.94 -6.23
CA GLN A 52 -22.28 -2.62 -7.11
C GLN A 52 -21.14 -3.27 -6.33
N ILE A 53 -20.76 -2.68 -5.19
CA ILE A 53 -19.72 -3.29 -4.37
C ILE A 53 -20.24 -4.60 -3.78
N ALA A 54 -21.49 -4.60 -3.28
CA ALA A 54 -22.11 -5.81 -2.75
C ALA A 54 -22.20 -6.88 -3.83
N ALA A 55 -22.72 -6.52 -5.01
CA ALA A 55 -22.85 -7.49 -6.09
C ALA A 55 -21.49 -8.06 -6.47
N PHE A 56 -20.47 -7.20 -6.55
CA PHE A 56 -19.15 -7.66 -6.96
C PHE A 56 -18.58 -8.68 -5.99
N TYR A 57 -18.70 -8.42 -4.68
CA TYR A 57 -18.07 -9.28 -3.69
C TYR A 57 -18.92 -10.48 -3.31
N ARG A 58 -20.22 -10.46 -3.59
CA ARG A 58 -20.99 -11.69 -3.45
C ARG A 58 -20.65 -12.70 -4.54
N GLN A 59 -20.09 -12.24 -5.66
CA GLN A 59 -19.51 -13.17 -6.64
C GLN A 59 -18.36 -13.96 -6.02
N GLY A 60 -17.58 -13.32 -5.16
CA GLY A 60 -16.40 -13.96 -4.60
C GLY A 60 -16.61 -14.60 -3.24
N LEU A 61 -16.74 -13.76 -2.19
CA LEU A 61 -16.82 -14.28 -0.83
C LEU A 61 -18.18 -14.93 -0.50
N GLY A 62 -18.98 -15.24 -1.52
CA GLY A 62 -20.17 -16.03 -1.34
C GLY A 62 -20.08 -17.33 -2.12
N GLY A 63 -19.54 -17.25 -3.34
CA GLY A 63 -19.43 -18.41 -4.20
C GLY A 63 -18.52 -19.50 -3.65
N GLY A 64 -17.27 -19.14 -3.30
CA GLY A 64 -16.35 -20.05 -2.69
C GLY A 64 -15.97 -19.62 -1.27
N LYS A 65 -15.32 -20.55 -0.56
CA LYS A 65 -14.88 -20.31 0.81
C LYS A 65 -13.46 -19.76 0.79
N VAL A 66 -13.28 -18.54 1.32
CA VAL A 66 -12.00 -17.88 1.22
C VAL A 66 -11.58 -17.40 2.61
N ARG A 67 -10.27 -17.26 2.78
CA ARG A 67 -9.67 -16.82 4.02
C ARG A 67 -8.76 -15.63 3.77
N ALA A 68 -8.49 -14.88 4.84
CA ALA A 68 -7.66 -13.69 4.72
C ALA A 68 -7.05 -13.33 6.08
N CYS A 69 -5.82 -12.83 6.04
CA CYS A 69 -5.14 -12.43 7.26
CA CYS A 69 -5.16 -12.40 7.27
C CYS A 69 -4.08 -11.38 6.95
N LEU A 70 -3.92 -10.42 7.84
CA LEU A 70 -2.85 -9.44 7.71
C LEU A 70 -1.51 -10.14 7.70
N THR A 71 -0.60 -9.65 6.87
CA THR A 71 0.77 -10.16 6.83
C THR A 71 1.76 -9.10 7.29
N GLY A 72 1.27 -8.04 7.91
CA GLY A 72 2.08 -7.00 8.46
C GLY A 72 1.15 -5.95 9.04
N PRO A 73 1.70 -4.96 9.75
CA PRO A 73 0.84 -3.97 10.41
C PRO A 73 0.18 -3.04 9.41
N VAL A 74 -0.99 -2.54 9.80
CA VAL A 74 -1.62 -1.47 9.04
C VAL A 74 -0.78 -0.19 9.16
N ARG A 75 -0.48 0.42 8.03
CA ARG A 75 0.18 1.72 8.00
C ARG A 75 -0.90 2.79 7.95
N ALA A 76 -0.81 3.78 8.83
CA ALA A 76 -1.90 4.77 8.88
C ALA A 76 -1.36 6.18 8.87
N SER A 77 -2.06 7.06 8.17
CA SER A 77 -1.73 8.47 8.04
C SER A 77 -2.56 9.29 9.02
N HIS A 78 -2.32 10.60 9.00
CA HIS A 78 -3.07 11.55 9.81
C HIS A 78 -4.16 12.27 9.03
N ASN A 79 -4.42 11.85 7.77
CA ASN A 79 -5.53 12.41 7.01
C ASN A 79 -6.57 11.33 6.69
N GLY A 80 -6.72 10.35 7.59
CA GLY A 80 -7.80 9.38 7.46
C GLY A 80 -7.54 8.34 6.39
N CYS A 81 -6.29 8.08 6.07
CA CYS A 81 -5.98 7.08 5.06
C CYS A 81 -5.05 6.03 5.66
N GLY A 82 -4.99 4.88 4.99
CA GLY A 82 -4.13 3.82 5.44
C GLY A 82 -3.87 2.82 4.33
N ALA A 83 -2.96 1.90 4.63
CA ALA A 83 -2.56 0.89 3.66
C ALA A 83 -2.18 -0.36 4.43
N MET A 84 -2.55 -1.52 3.90
CA MET A 84 -2.26 -2.74 4.65
C MET A 84 -1.86 -3.90 3.75
N PRO A 85 -0.93 -4.73 4.22
CA PRO A 85 -0.57 -5.94 3.48
C PRO A 85 -1.30 -7.17 3.99
N PHE A 86 -1.82 -8.01 3.10
CA PHE A 86 -2.47 -9.21 3.59
C PHE A 86 -2.39 -10.31 2.56
N ARG A 87 -2.82 -11.50 2.97
CA ARG A 87 -2.80 -12.67 2.12
C ARG A 87 -4.16 -13.35 2.14
N VAL A 88 -4.64 -13.75 0.96
CA VAL A 88 -5.92 -14.40 0.80
C VAL A 88 -5.66 -15.83 0.34
N GLU A 89 -6.24 -16.80 1.03
CA GLU A 89 -6.09 -18.22 0.68
C GLU A 89 -7.41 -18.75 0.16
N MET A 90 -7.38 -19.41 -0.99
CA MET A 90 -8.60 -19.78 -1.69
C MET A 90 -8.35 -20.99 -2.57
N VAL A 91 -9.39 -21.40 -3.29
CA VAL A 91 -9.31 -22.56 -4.17
C VAL A 91 -8.95 -22.09 -5.58
N TRP A 92 -8.02 -22.78 -6.21
CA TRP A 92 -7.53 -22.43 -7.53
C TRP A 92 -7.43 -23.70 -8.36
N ASN A 93 -8.32 -23.85 -9.34
CA ASN A 93 -8.35 -25.05 -10.16
C ASN A 93 -8.46 -26.29 -9.28
N GLY A 94 -9.43 -26.25 -8.36
CA GLY A 94 -9.56 -27.29 -7.36
C GLY A 94 -8.31 -27.48 -6.53
N GLN A 95 -7.56 -26.42 -6.27
CA GLN A 95 -6.28 -26.54 -5.60
C GLN A 95 -6.01 -25.27 -4.79
N PRO A 96 -5.84 -25.38 -3.48
CA PRO A 96 -5.60 -24.18 -2.66
C PRO A 96 -4.42 -23.36 -3.17
N CYS A 97 -4.51 -22.05 -2.98
CA CYS A 97 -3.52 -21.12 -3.49
C CYS A 97 -3.44 -19.93 -2.55
N ALA A 98 -2.55 -18.99 -2.86
CA ALA A 98 -2.38 -17.80 -2.05
C ALA A 98 -2.22 -16.57 -2.93
N LEU A 99 -2.90 -15.48 -2.55
CA LEU A 99 -2.80 -14.20 -3.22
C LEU A 99 -2.33 -13.15 -2.22
N ASP A 100 -1.27 -12.44 -2.56
CA ASP A 100 -0.74 -11.35 -1.74
C ASP A 100 -1.28 -10.02 -2.25
N VAL A 101 -1.85 -9.22 -1.35
CA VAL A 101 -2.55 -8.00 -1.71
C VAL A 101 -2.11 -6.86 -0.81
N ILE A 102 -2.20 -5.63 -1.30
CA ILE A 102 -2.19 -4.44 -0.45
C ILE A 102 -3.42 -3.61 -0.78
N ASP A 103 -4.25 -3.32 0.23
CA ASP A 103 -5.33 -2.36 0.07
C ASP A 103 -4.90 -1.00 0.59
N VAL A 104 -5.18 0.03 -0.19
CA VAL A 104 -5.07 1.42 0.23
C VAL A 104 -6.48 1.97 0.40
N MET A 105 -6.77 2.58 1.55
CA MET A 105 -8.10 3.11 1.81
C MET A 105 -8.04 4.57 2.24
N ARG A 106 -9.05 5.34 1.80
CA ARG A 106 -9.28 6.69 2.29
C ARG A 106 -10.65 6.70 2.93
N PHE A 107 -10.72 7.11 4.19
CA PHE A 107 -11.98 7.20 4.93
C PHE A 107 -12.51 8.63 4.87
N ASP A 108 -13.82 8.75 5.03
CA ASP A 108 -14.46 10.05 4.99
C ASP A 108 -14.66 10.60 6.41
N GLU A 109 -15.30 11.76 6.47
CA GLU A 109 -15.51 12.44 7.74
C GLU A 109 -16.57 11.78 8.60
N HIS A 110 -17.14 10.66 8.13
CA HIS A 110 -18.06 9.84 8.92
C HIS A 110 -17.47 8.48 9.26
N GLY A 111 -16.16 8.28 9.01
CA GLY A 111 -15.53 7.03 9.37
C GLY A 111 -15.84 5.88 8.44
N ARG A 112 -16.34 6.15 7.24
CA ARG A 112 -16.63 5.10 6.27
C ARG A 112 -15.62 5.18 5.11
N ILE A 113 -15.39 4.05 4.44
CA ILE A 113 -14.41 4.02 3.36
C ILE A 113 -14.94 4.77 2.14
N GLN A 114 -14.22 5.79 1.70
CA GLN A 114 -14.59 6.53 0.50
C GLN A 114 -13.99 5.92 -0.75
N THR A 115 -12.73 5.53 -0.70
CA THR A 115 -12.05 4.93 -1.85
C THR A 115 -11.22 3.77 -1.34
N MET A 116 -11.19 2.69 -2.10
CA MET A 116 -10.27 1.61 -1.82
C MET A 116 -9.61 1.21 -3.13
N GLN A 117 -8.29 1.01 -3.07
N GLN A 117 -8.30 0.95 -3.07
CA GLN A 117 -7.52 0.43 -4.16
CA GLN A 117 -7.58 0.42 -4.23
C GLN A 117 -6.88 -0.85 -3.66
C GLN A 117 -6.77 -0.78 -3.78
N ALA A 118 -7.04 -1.92 -4.42
CA ALA A 118 -6.41 -3.20 -4.09
C ALA A 118 -5.30 -3.47 -5.11
N TYR A 119 -4.06 -3.43 -4.65
CA TYR A 119 -2.91 -3.67 -5.52
C TYR A 119 -2.59 -5.17 -5.51
N TRP A 120 -2.69 -5.78 -6.69
CA TRP A 120 -2.34 -7.18 -6.87
C TRP A 120 -2.48 -7.52 -8.34
N SER A 121 -1.79 -8.57 -8.75
CA SER A 121 -1.98 -9.15 -10.08
C SER A 121 -1.59 -10.61 -10.00
N GLU A 122 -1.50 -11.27 -11.17
CA GLU A 122 -1.14 -12.68 -11.14
C GLU A 122 0.30 -12.91 -10.69
N VAL A 123 1.17 -11.89 -10.72
CA VAL A 123 2.51 -12.03 -10.16
C VAL A 123 2.45 -12.29 -8.66
N ASN A 124 1.34 -11.95 -8.03
CA ASN A 124 1.16 -12.09 -6.58
C ASN A 124 0.37 -13.33 -6.21
N LEU A 125 0.00 -14.14 -7.20
CA LEU A 125 -0.68 -15.40 -6.97
C LEU A 125 0.35 -16.51 -6.94
N SER A 126 0.27 -17.36 -5.92
CA SER A 126 1.18 -18.49 -5.77
CA SER A 126 1.18 -18.49 -5.80
C SER A 126 0.37 -19.76 -5.55
N VAL A 127 0.90 -20.87 -6.05
CA VAL A 127 0.24 -22.15 -5.91
C VAL A 127 1.11 -23.10 -5.11
N ASN B 2 7.98 1.24 -22.68
CA ASN B 2 8.60 1.03 -21.36
C ASN B 2 7.66 1.59 -20.28
N LEU B 3 6.34 1.39 -20.47
CA LEU B 3 5.48 1.47 -19.28
C LEU B 3 5.63 0.14 -18.57
N PRO B 4 6.29 0.12 -17.42
CA PRO B 4 6.75 -1.15 -16.83
C PRO B 4 5.60 -2.15 -16.70
N THR B 5 5.86 -3.38 -17.12
CA THR B 5 4.92 -4.47 -16.86
C THR B 5 4.90 -4.75 -15.36
N ALA B 6 3.92 -5.57 -14.94
CA ALA B 6 3.81 -5.91 -13.53
C ALA B 6 5.10 -6.52 -12.99
N GLN B 7 5.71 -7.42 -13.75
CA GLN B 7 6.99 -7.99 -13.33
C GLN B 7 8.09 -6.93 -13.30
N GLU B 8 8.06 -5.97 -14.23
CA GLU B 8 9.06 -4.91 -14.23
C GLU B 8 8.86 -3.93 -13.08
N VAL B 9 7.61 -3.68 -12.69
CA VAL B 9 7.34 -2.86 -11.50
C VAL B 9 7.92 -3.53 -10.26
N GLN B 10 7.80 -4.86 -10.17
CA GLN B 10 8.37 -5.56 -9.04
C GLN B 10 9.87 -5.35 -8.94
N GLY B 11 10.57 -5.47 -10.07
CA GLY B 11 12.00 -5.23 -10.07
C GLY B 11 12.34 -3.79 -9.78
N LEU B 12 11.58 -2.84 -10.33
CA LEU B 12 11.87 -1.44 -10.12
C LEU B 12 11.67 -1.06 -8.65
N MET B 13 10.60 -1.55 -8.03
CA MET B 13 10.34 -1.17 -6.65
C MET B 13 11.33 -1.82 -5.69
N ALA B 14 11.68 -3.09 -5.91
CA ALA B 14 12.70 -3.72 -5.07
C ALA B 14 14.06 -3.07 -5.27
N ARG B 15 14.38 -2.68 -6.50
CA ARG B 15 15.63 -1.96 -6.74
C ARG B 15 15.66 -0.65 -5.96
N TYR B 16 14.51 0.02 -5.87
CA TYR B 16 14.43 1.26 -5.10
C TYR B 16 14.76 1.01 -3.63
N ILE B 17 14.19 -0.04 -3.03
CA ILE B 17 14.49 -0.32 -1.64
C ILE B 17 15.99 -0.59 -1.44
N GLU B 18 16.63 -1.23 -2.42
CA GLU B 18 18.07 -1.47 -2.26
C GLU B 18 18.87 -0.18 -2.32
N LEU B 19 18.47 0.75 -3.20
CA LEU B 19 19.14 2.05 -3.27
C LEU B 19 18.98 2.82 -1.97
N VAL B 20 17.78 2.76 -1.38
CA VAL B 20 17.58 3.37 -0.08
C VAL B 20 18.49 2.73 0.96
N ASP B 21 18.55 1.39 0.96
CA ASP B 21 19.35 0.70 1.96
C ASP B 21 20.82 1.08 1.85
N VAL B 22 21.34 1.13 0.62
CA VAL B 22 22.71 1.56 0.38
C VAL B 22 22.85 3.04 0.70
N GLY B 23 21.82 3.82 0.39
CA GLY B 23 21.85 5.24 0.65
C GLY B 23 22.40 6.08 -0.48
N ASP B 24 22.46 5.54 -1.70
CA ASP B 24 22.92 6.33 -2.82
C ASP B 24 21.84 7.31 -3.25
N ILE B 25 21.95 8.53 -2.72
CA ILE B 25 20.91 9.54 -2.90
C ILE B 25 20.81 9.97 -4.36
N GLU B 26 21.94 10.17 -5.03
CA GLU B 26 21.83 10.53 -6.45
C GLU B 26 21.27 9.37 -7.27
N ALA B 27 21.57 8.13 -6.89
CA ALA B 27 20.97 7.01 -7.61
C ALA B 27 19.46 6.95 -7.35
N ILE B 28 19.03 7.28 -6.14
CA ILE B 28 17.60 7.32 -5.85
C ILE B 28 16.93 8.36 -6.73
N VAL B 29 17.45 9.59 -6.72
CA VAL B 29 16.81 10.70 -7.44
C VAL B 29 16.74 10.42 -8.93
N GLN B 30 17.74 9.74 -9.49
CA GLN B 30 17.69 9.41 -10.92
C GLN B 30 16.50 8.55 -11.29
N MET B 31 15.89 7.84 -10.32
CA MET B 31 14.73 7.03 -10.63
C MET B 31 13.47 7.85 -10.87
N TYR B 32 13.43 9.09 -10.39
CA TYR B 32 12.24 9.92 -10.52
C TYR B 32 12.21 10.67 -11.84
N ALA B 33 11.00 10.92 -12.32
CA ALA B 33 10.76 11.77 -13.47
C ALA B 33 10.89 13.24 -13.09
N ASP B 34 11.10 14.09 -14.09
CA ASP B 34 11.34 15.52 -13.86
C ASP B 34 10.21 16.15 -13.07
N ASP B 35 8.97 15.78 -13.37
CA ASP B 35 7.81 16.38 -12.73
C ASP B 35 7.22 15.51 -11.64
N ALA B 36 8.03 14.67 -11.01
CA ALA B 36 7.54 13.74 -10.01
C ALA B 36 7.11 14.48 -8.75
N THR B 37 6.23 13.84 -8.00
CA THR B 37 5.82 14.30 -6.69
C THR B 37 6.09 13.21 -5.67
N VAL B 38 6.50 13.61 -4.48
CA VAL B 38 6.70 12.72 -3.34
C VAL B 38 5.79 13.19 -2.21
N GLU B 39 4.98 12.27 -1.69
CA GLU B 39 4.16 12.54 -0.51
C GLU B 39 4.62 11.59 0.57
N ASP B 40 5.34 12.13 1.57
CA ASP B 40 6.01 11.32 2.56
C ASP B 40 6.23 12.13 3.85
N PRO B 41 5.43 11.86 4.91
CA PRO B 41 4.35 10.85 4.92
C PRO B 41 3.14 11.28 4.12
N PHE B 42 2.41 10.31 3.54
CA PHE B 42 1.16 10.65 2.90
C PHE B 42 0.28 11.44 3.87
N GLY B 43 -0.34 12.51 3.37
CA GLY B 43 -1.01 13.49 4.19
C GLY B 43 -0.28 14.82 4.26
N GLN B 44 1.04 14.82 4.09
CA GLN B 44 1.77 16.08 4.04
C GLN B 44 1.81 16.62 2.63
N PRO B 45 2.02 17.93 2.46
CA PRO B 45 2.05 18.52 1.11
C PRO B 45 3.07 17.82 0.22
N PRO B 46 2.78 17.66 -1.07
CA PRO B 46 3.71 16.95 -1.95
C PRO B 46 4.99 17.75 -2.22
N ILE B 47 6.10 17.02 -2.34
CA ILE B 47 7.36 17.57 -2.80
C ILE B 47 7.45 17.39 -4.30
N HIS B 48 7.97 18.40 -5.01
CA HIS B 48 8.15 18.27 -6.45
C HIS B 48 9.43 18.97 -6.86
N GLY B 49 10.02 18.50 -7.96
CA GLY B 49 11.30 19.02 -8.40
C GLY B 49 12.46 18.18 -7.93
N ARG B 50 13.33 17.78 -8.86
CA ARG B 50 14.34 16.76 -8.57
C ARG B 50 15.25 17.17 -7.41
N GLU B 51 15.61 18.45 -7.32
CA GLU B 51 16.53 18.82 -6.26
C GLU B 51 15.84 18.87 -4.90
N GLN B 52 14.62 19.40 -4.87
CA GLN B 52 13.80 19.30 -3.65
C GLN B 52 13.63 17.85 -3.23
N ILE B 53 13.37 16.96 -4.19
CA ILE B 53 13.36 15.53 -3.89
C ILE B 53 14.73 15.08 -3.41
N ALA B 54 15.80 15.58 -4.04
CA ALA B 54 17.15 15.23 -3.61
C ALA B 54 17.39 15.69 -2.17
N ALA B 55 17.04 16.94 -1.86
CA ALA B 55 17.25 17.45 -0.52
C ALA B 55 16.45 16.67 0.50
N PHE B 56 15.24 16.24 0.11
CA PHE B 56 14.39 15.45 1.02
C PHE B 56 15.06 14.13 1.38
N TYR B 57 15.59 13.42 0.38
CA TYR B 57 16.31 12.19 0.67
C TYR B 57 17.62 12.45 1.42
N ARG B 58 18.30 13.56 1.11
CA ARG B 58 19.51 13.91 1.83
C ARG B 58 19.26 14.13 3.31
N GLN B 59 18.11 14.72 3.65
CA GLN B 59 17.80 14.93 5.06
C GLN B 59 17.42 13.63 5.77
N GLY B 60 16.75 12.72 5.07
CA GLY B 60 16.37 11.46 5.68
C GLY B 60 17.51 10.45 5.73
N LEU B 61 18.37 10.43 4.72
CA LEU B 61 19.42 9.43 4.61
C LEU B 61 20.81 10.06 4.73
N GLY B 62 20.90 11.19 5.43
CA GLY B 62 22.15 11.94 5.52
C GLY B 62 23.30 11.25 6.22
N GLY B 63 23.17 9.94 6.45
CA GLY B 63 24.24 9.12 6.99
C GLY B 63 24.74 9.45 8.39
N GLY B 64 23.91 9.25 9.42
CA GLY B 64 22.55 8.74 9.27
C GLY B 64 22.44 7.27 8.94
N LYS B 65 22.75 6.41 9.91
CA LYS B 65 22.71 4.97 9.68
C LYS B 65 21.27 4.50 9.50
N VAL B 66 20.79 4.54 8.26
CA VAL B 66 19.43 4.14 7.93
C VAL B 66 19.48 2.90 7.06
N ARG B 67 18.75 1.87 7.47
CA ARG B 67 18.64 0.61 6.75
C ARG B 67 17.18 0.41 6.33
N ALA B 68 16.98 -0.34 5.25
CA ALA B 68 15.64 -0.61 4.76
C ALA B 68 15.61 -1.95 4.05
N CYS B 69 14.51 -2.68 4.21
CA CYS B 69 14.36 -4.01 3.65
CA CYS B 69 14.36 -3.98 3.59
C CYS B 69 12.88 -4.30 3.45
N LEU B 70 12.56 -4.96 2.33
CA LEU B 70 11.20 -5.44 2.13
C LEU B 70 10.80 -6.42 3.22
N THR B 71 9.55 -6.32 3.66
CA THR B 71 8.98 -7.28 4.59
C THR B 71 7.82 -8.06 3.96
N GLY B 72 7.75 -8.09 2.62
CA GLY B 72 6.73 -8.79 1.89
C GLY B 72 6.97 -8.54 0.41
N PRO B 73 6.29 -9.31 -0.44
CA PRO B 73 6.49 -9.11 -1.88
C PRO B 73 5.89 -7.80 -2.38
N VAL B 74 6.49 -7.28 -3.45
CA VAL B 74 5.93 -6.13 -4.14
C VAL B 74 4.62 -6.54 -4.79
N ARG B 75 3.57 -5.76 -4.55
CA ARG B 75 2.30 -5.94 -5.25
C ARG B 75 2.32 -5.03 -6.48
N ALA B 76 2.02 -5.59 -7.65
CA ALA B 76 2.17 -4.85 -8.89
C ALA B 76 0.94 -4.96 -9.76
N SER B 77 0.56 -3.85 -10.38
CA SER B 77 -0.58 -3.82 -11.28
C SER B 77 -0.09 -3.88 -12.72
N HIS B 78 -1.04 -3.87 -13.65
CA HIS B 78 -0.73 -3.85 -15.07
C HIS B 78 -0.82 -2.46 -15.66
N ASN B 79 -0.97 -1.42 -14.84
CA ASN B 79 -0.94 -0.05 -15.32
C ASN B 79 0.25 0.73 -14.77
N GLY B 80 1.37 0.05 -14.54
CA GLY B 80 2.60 0.72 -14.17
C GLY B 80 2.66 1.19 -12.74
N CYS B 81 1.82 0.63 -11.87
CA CYS B 81 1.80 1.01 -10.46
C CYS B 81 2.05 -0.21 -9.58
N GLY B 82 2.42 0.07 -8.34
CA GLY B 82 2.70 -1.01 -7.41
C GLY B 82 2.75 -0.46 -5.99
N ALA B 83 2.79 -1.40 -5.04
CA ALA B 83 2.81 -1.07 -3.62
C ALA B 83 3.66 -2.12 -2.91
N MET B 84 4.41 -1.69 -1.90
CA MET B 84 5.29 -2.62 -1.24
C MET B 84 5.39 -2.35 0.25
N PRO B 85 5.45 -3.40 1.08
CA PRO B 85 5.67 -3.20 2.51
C PRO B 85 7.15 -3.34 2.83
N PHE B 86 7.69 -2.40 3.60
CA PHE B 86 9.06 -2.52 4.05
C PHE B 86 9.22 -1.94 5.44
N ARG B 87 10.45 -2.06 5.93
CA ARG B 87 10.82 -1.74 7.29
C ARG B 87 12.08 -0.91 7.25
N VAL B 88 12.05 0.24 7.91
CA VAL B 88 13.19 1.12 8.02
C VAL B 88 13.78 0.96 9.41
N GLU B 89 15.10 0.82 9.49
CA GLU B 89 15.77 0.76 10.78
C GLU B 89 16.64 2.00 10.93
N MET B 90 16.50 2.68 12.05
CA MET B 90 17.24 3.93 12.28
C MET B 90 17.39 4.14 13.78
N VAL B 91 18.03 5.25 14.14
CA VAL B 91 18.16 5.64 15.54
C VAL B 91 17.45 6.97 15.73
N TRP B 92 16.64 7.05 16.79
CA TRP B 92 15.89 8.26 17.10
C TRP B 92 15.71 8.35 18.60
N ASN B 93 15.81 9.57 19.14
CA ASN B 93 15.80 9.78 20.58
C ASN B 93 16.89 8.98 21.26
N GLY B 94 18.01 8.78 20.55
CA GLY B 94 19.08 7.93 21.04
C GLY B 94 18.69 6.48 21.15
N GLN B 95 17.55 6.11 20.55
CA GLN B 95 17.03 4.76 20.62
C GLN B 95 17.04 4.10 19.26
N PRO B 96 17.52 2.87 19.13
CA PRO B 96 17.35 2.14 17.87
C PRO B 96 15.88 1.88 17.64
N CYS B 97 15.40 2.26 16.46
CA CYS B 97 13.97 2.18 16.18
C CYS B 97 13.75 1.47 14.85
N ALA B 98 12.51 1.06 14.66
CA ALA B 98 12.08 0.54 13.37
C ALA B 98 10.82 1.27 12.97
N LEU B 99 10.64 1.45 11.65
CA LEU B 99 9.47 2.14 11.16
C LEU B 99 8.91 1.31 10.02
N ASP B 100 7.65 0.91 10.14
CA ASP B 100 6.99 0.11 9.09
C ASP B 100 6.27 1.03 8.12
N VAL B 101 6.50 0.81 6.82
CA VAL B 101 6.06 1.74 5.78
C VAL B 101 5.51 0.93 4.61
N ILE B 102 4.53 1.50 3.91
CA ILE B 102 4.13 1.01 2.59
C ILE B 102 4.28 2.17 1.63
N ASP B 103 5.03 1.95 0.54
CA ASP B 103 5.15 2.92 -0.52
C ASP B 103 4.23 2.52 -1.66
N VAL B 104 3.54 3.49 -2.22
CA VAL B 104 2.78 3.29 -3.44
C VAL B 104 3.44 4.12 -4.52
N MET B 105 3.65 3.51 -5.70
CA MET B 105 4.34 4.22 -6.77
C MET B 105 3.64 4.05 -8.09
N ARG B 106 3.63 5.12 -8.88
CA ARG B 106 3.19 5.10 -10.26
C ARG B 106 4.38 5.48 -11.13
N PHE B 107 4.65 4.66 -12.15
CA PHE B 107 5.73 4.89 -13.08
C PHE B 107 5.18 5.46 -14.39
N ASP B 108 6.03 6.20 -15.11
CA ASP B 108 5.64 6.72 -16.41
C ASP B 108 6.13 5.79 -17.52
N GLU B 109 5.79 6.13 -18.76
CA GLU B 109 6.16 5.33 -19.92
C GLU B 109 7.66 5.25 -20.15
N HIS B 110 8.46 6.00 -19.39
CA HIS B 110 9.91 5.90 -19.46
C HIS B 110 10.50 5.05 -18.34
N GLY B 111 9.66 4.46 -17.49
CA GLY B 111 10.17 3.68 -16.37
C GLY B 111 10.61 4.50 -15.19
N ARG B 112 10.22 5.76 -15.11
CA ARG B 112 10.65 6.63 -14.02
C ARG B 112 9.48 6.91 -13.09
N ILE B 113 9.81 7.15 -11.81
CA ILE B 113 8.77 7.35 -10.79
C ILE B 113 8.04 8.65 -11.06
N GLN B 114 6.73 8.56 -11.29
CA GLN B 114 5.92 9.75 -11.47
C GLN B 114 5.33 10.23 -10.16
N THR B 115 4.84 9.31 -9.32
CA THR B 115 4.27 9.67 -8.03
C THR B 115 4.73 8.65 -7.00
N MET B 116 5.15 9.13 -5.84
CA MET B 116 5.44 8.25 -4.72
C MET B 116 4.62 8.71 -3.52
N GLN B 117 4.02 7.75 -2.84
CA GLN B 117 3.24 7.99 -1.63
C GLN B 117 3.71 7.03 -0.55
N ALA B 118 4.19 7.56 0.57
CA ALA B 118 4.71 6.74 1.66
C ALA B 118 3.72 6.77 2.81
N TYR B 119 3.07 5.63 3.06
CA TYR B 119 2.09 5.52 4.13
C TYR B 119 2.76 5.07 5.41
N TRP B 120 2.68 5.91 6.44
CA TRP B 120 3.24 5.63 7.77
C TRP B 120 2.91 6.79 8.68
N SER B 121 2.97 6.52 9.99
CA SER B 121 2.92 7.56 11.02
C SER B 121 3.57 6.99 12.27
N GLU B 122 3.50 7.75 13.37
CA GLU B 122 4.10 7.27 14.61
C GLU B 122 3.48 5.97 15.12
N VAL B 123 2.25 5.62 14.70
CA VAL B 123 1.72 4.31 15.09
C VAL B 123 2.58 3.17 14.55
N ASN B 124 3.39 3.45 13.52
CA ASN B 124 4.24 2.46 12.88
C ASN B 124 5.67 2.48 13.39
N LEU B 125 5.94 3.25 14.45
CA LEU B 125 7.25 3.33 15.06
C LEU B 125 7.36 2.31 16.18
N SER B 126 8.50 1.66 16.29
CA SER B 126 8.72 0.79 17.44
C SER B 126 10.20 0.83 17.80
N VAL B 127 10.48 0.54 19.06
CA VAL B 127 11.86 0.41 19.52
C VAL B 127 12.29 -1.04 19.35
N ARG B 128 13.55 -1.25 19.00
CA ARG B 128 14.07 -2.61 18.82
C ARG B 128 15.24 -2.87 19.78
C6 6VW C . 12.41 6.39 1.68
C2 6VW C . 10.14 6.01 2.75
C4 6VW C . 11.99 7.03 4.08
C5 6VW C . 12.89 6.26 3.12
C1 6VW C . 10.98 5.92 1.54
O1 6VW C . 10.54 5.52 0.51
C3 6VW C . 10.55 6.54 3.89
C10 6VW C . 9.53 7.06 4.89
C11 6VW C . 10.06 7.04 6.32
C12 6VW C . 11.42 7.72 6.44
C13 6VW C . 12.44 6.95 5.57
C16 6VW C . 11.93 7.83 7.88
C17 6VW C . 13.34 8.42 8.03
C18 6VW C . 14.32 7.53 7.25
C19 6VW C . 13.90 7.40 5.78
C24 6VW C . 11.09 8.59 8.92
C25 6VW C . 12.10 8.90 10.06
C26 6VW C . 13.46 8.35 9.57
C27 6VW C . 13.48 9.87 7.55
O27 6VW C . 14.56 9.07 10.05
#